data_4IYK
#
_entry.id   4IYK
#
_cell.length_a   84.802
_cell.length_b   84.802
_cell.length_c   61.362
_cell.angle_alpha   90.000
_cell.angle_beta   90.000
_cell.angle_gamma   120.000
#
_symmetry.space_group_name_H-M   'P 63'
#
loop_
_entity.id
_entity.type
_entity.pdbx_description
1 polymer 'Uncharacterized protein'
2 non-polymer 'CHLORIDE ION'
3 non-polymer 1,2-ETHANEDIOL
4 water water
#
_entity_poly.entity_id   1
_entity_poly.type   'polypeptide(L)'
_entity_poly.pdbx_seq_one_letter_code
;GLTSCEIDNYEGPDASIHGSILDEQTGELVGSD(MSE)ENGNAIKVREHGFTNATDQTWYITNTGEYRNN(MSE)VFAAT
YDVRFENGNFYPFEVKDFVVKSGDNVYDFKVIPYIRVKSPKVEKNGNVITATFSLEAGKQEVKLKEIQLFAFSD(MSE)W
VGNNVKLTLNGGTDKQVFSPSTAINSADIYTLSIDLGQNADVLKYSKNYYFRIGALADVSGVGTVRHNYAPVVVIKL
;
_entity_poly.pdbx_strand_id   A
#
loop_
_chem_comp.id
_chem_comp.type
_chem_comp.name
_chem_comp.formula
CL non-polymer 'CHLORIDE ION' 'Cl -1'
EDO non-polymer 1,2-ETHANEDIOL 'C2 H6 O2'
#
# COMPACT_ATOMS: atom_id res chain seq x y z
N GLY A 12 -25.69 -15.58 16.12
CA GLY A 12 -24.91 -14.49 15.54
C GLY A 12 -23.41 -14.55 15.83
N PRO A 13 -22.62 -13.54 15.39
CA PRO A 13 -21.16 -13.57 15.67
C PRO A 13 -20.84 -13.42 17.16
N ASP A 14 -19.87 -14.23 17.62
CA ASP A 14 -19.42 -14.28 19.02
C ASP A 14 -17.95 -13.84 19.17
N ALA A 15 -17.34 -13.27 18.10
CA ALA A 15 -15.95 -12.88 18.18
C ALA A 15 -15.62 -11.63 17.35
N SER A 16 -14.45 -11.06 17.65
CA SER A 16 -13.91 -9.89 16.94
C SER A 16 -12.42 -10.12 16.77
N ILE A 17 -11.83 -9.53 15.72
CA ILE A 17 -10.41 -9.71 15.46
C ILE A 17 -9.84 -8.42 14.85
N HIS A 18 -8.63 -8.08 15.26
CA HIS A 18 -7.94 -6.89 14.74
C HIS A 18 -6.45 -7.22 14.75
N GLY A 19 -5.67 -6.42 14.05
CA GLY A 19 -4.23 -6.62 13.93
C GLY A 19 -3.62 -5.81 12.84
N SER A 20 -2.38 -6.16 12.45
CA SER A 20 -1.65 -5.37 11.48
C SER A 20 -0.92 -6.23 10.49
N ILE A 21 -0.71 -5.66 9.27
CA ILE A 21 0.16 -6.26 8.25
C ILE A 21 1.50 -5.60 8.49
N LEU A 22 2.48 -6.40 8.88
CA LEU A 22 3.81 -5.87 9.22
C LEU A 22 4.91 -6.48 8.36
N ASP A 23 5.91 -5.63 8.05
CA ASP A 23 7.10 -6.05 7.33
C ASP A 23 7.93 -6.95 8.26
N GLU A 24 8.15 -8.21 7.87
CA GLU A 24 8.90 -9.19 8.64
C GLU A 24 10.33 -8.67 9.00
N GLN A 25 10.93 -7.84 8.10
CA GLN A 25 12.29 -7.34 8.31
C GLN A 25 12.32 -6.08 9.17
N THR A 26 11.58 -5.03 8.81
CA THR A 26 11.60 -3.75 9.52
C THR A 26 10.58 -3.61 10.69
N GLY A 27 9.54 -4.46 10.71
CA GLY A 27 8.48 -4.34 11.71
C GLY A 27 7.50 -3.20 11.48
N GLU A 28 7.65 -2.45 10.37
CA GLU A 28 6.81 -1.32 10.00
CA GLU A 28 6.79 -1.33 10.06
C GLU A 28 5.51 -1.78 9.38
N LEU A 29 4.43 -0.97 9.50
CA LEU A 29 3.15 -1.28 8.85
C LEU A 29 3.36 -1.37 7.33
N VAL A 30 2.69 -2.33 6.67
CA VAL A 30 2.73 -2.44 5.20
C VAL A 30 1.36 -1.95 4.70
N GLY A 31 1.36 -0.78 4.06
CA GLY A 31 0.15 -0.18 3.54
C GLY A 31 -0.24 -0.63 2.16
N SER A 32 -1.53 -0.57 1.84
CA SER A 32 -2.09 -0.96 0.55
C SER A 32 -3.35 -0.12 0.30
N ASP A 33 -4.25 -0.59 -0.57
CA ASP A 33 -5.54 0.05 -0.82
C ASP A 33 -6.58 -0.87 -0.24
N MSE A 34 -7.57 -0.37 0.55
CA MSE A 34 -8.61 -1.26 1.14
C MSE A 34 -9.36 -2.03 0.06
O MSE A 34 -9.61 -3.23 0.20
CB MSE A 34 -9.61 -0.47 2.02
CG MSE A 34 -10.36 -1.38 2.97
SE MSE A 34 -11.15 -0.44 4.45
CE MSE A 34 -11.44 -1.94 5.60
N GLU A 35 -9.68 -1.34 -1.04
CA GLU A 35 -10.34 -1.95 -2.19
C GLU A 35 -9.28 -2.10 -3.29
N ASN A 36 -9.20 -3.28 -3.95
CA ASN A 36 -8.26 -3.56 -5.05
C ASN A 36 -6.81 -3.51 -4.56
N GLY A 37 -6.59 -4.05 -3.36
CA GLY A 37 -5.27 -4.12 -2.75
C GLY A 37 -5.16 -5.42 -2.01
N ASN A 38 -4.49 -5.39 -0.85
CA ASN A 38 -4.32 -6.56 0.01
C ASN A 38 -5.63 -7.00 0.61
N ALA A 39 -5.72 -8.27 0.97
CA ALA A 39 -6.91 -8.81 1.60
C ALA A 39 -6.58 -10.10 2.34
N ILE A 40 -7.35 -10.39 3.39
CA ILE A 40 -7.24 -11.61 4.17
C ILE A 40 -8.32 -12.57 3.68
N LYS A 41 -7.94 -13.67 3.00
CA LYS A 41 -8.92 -14.66 2.55
C LYS A 41 -8.95 -15.79 3.58
N VAL A 42 -10.12 -16.10 4.12
CA VAL A 42 -10.23 -17.13 5.13
C VAL A 42 -11.21 -18.22 4.70
N ARG A 43 -10.99 -19.41 5.22
CA ARG A 43 -11.84 -20.58 5.00
C ARG A 43 -12.03 -21.28 6.33
N GLU A 44 -13.29 -21.32 6.83
CA GLU A 44 -13.65 -22.02 8.05
C GLU A 44 -13.52 -23.52 7.84
N HIS A 45 -12.96 -24.24 8.82
CA HIS A 45 -12.80 -25.69 8.76
C HIS A 45 -14.16 -26.40 8.73
N GLY A 46 -14.22 -27.55 8.07
CA GLY A 46 -15.43 -28.34 7.91
C GLY A 46 -15.81 -28.54 6.45
N THR A 51 -18.07 -20.46 -0.30
CA THR A 51 -18.24 -20.35 1.16
C THR A 51 -17.08 -19.52 1.81
N ASP A 52 -16.03 -19.18 1.02
CA ASP A 52 -14.86 -18.43 1.48
C ASP A 52 -15.17 -16.92 1.63
N GLN A 53 -14.88 -16.38 2.83
CA GLN A 53 -15.11 -14.97 3.11
C GLN A 53 -13.77 -14.19 3.10
N THR A 54 -13.85 -12.85 3.09
CA THR A 54 -12.69 -11.98 3.03
C THR A 54 -12.75 -10.97 4.15
N TRP A 55 -11.59 -10.73 4.80
CA TRP A 55 -11.43 -9.69 5.80
C TRP A 55 -10.61 -8.59 5.16
N TYR A 56 -11.18 -7.38 5.09
CA TYR A 56 -10.59 -6.21 4.46
C TYR A 56 -9.70 -5.41 5.44
N ILE A 57 -8.70 -4.74 4.89
CA ILE A 57 -7.62 -4.09 5.66
C ILE A 57 -7.62 -2.62 5.34
N THR A 58 -7.63 -1.75 6.35
CA THR A 58 -7.54 -0.29 6.08
C THR A 58 -6.19 0.00 5.40
N ASN A 59 -6.11 1.13 4.70
CA ASN A 59 -4.93 1.52 3.91
C ASN A 59 -3.60 1.53 4.69
N THR A 60 -3.62 1.80 6.00
CA THR A 60 -2.38 1.86 6.80
C THR A 60 -1.76 0.45 7.01
N GLY A 61 -2.56 -0.59 6.84
CA GLY A 61 -2.17 -1.99 7.08
C GLY A 61 -2.80 -2.53 8.35
N GLU A 62 -3.62 -1.72 9.04
CA GLU A 62 -4.36 -2.18 10.22
C GLU A 62 -5.72 -2.72 9.80
N TYR A 63 -6.13 -3.85 10.36
CA TYR A 63 -7.43 -4.45 10.04
C TYR A 63 -8.24 -4.63 11.32
N ARG A 64 -9.60 -4.62 11.18
CA ARG A 64 -10.54 -4.78 12.29
C ARG A 64 -11.85 -5.39 11.81
N ASN A 65 -12.33 -6.43 12.50
CA ASN A 65 -13.57 -7.11 12.15
C ASN A 65 -14.32 -7.47 13.43
N ASN A 66 -15.49 -6.85 13.65
CA ASN A 66 -16.29 -7.13 14.85
C ASN A 66 -17.42 -8.11 14.58
N MSE A 67 -17.40 -8.79 13.43
CA MSE A 67 -18.42 -9.76 13.06
C MSE A 67 -17.81 -11.10 12.61
O MSE A 67 -18.06 -11.53 11.48
CB MSE A 67 -19.29 -9.15 11.95
CG MSE A 67 -20.72 -8.88 12.37
SE MSE A 67 -21.54 -7.42 11.35
CE MSE A 67 -20.95 -7.85 9.52
N VAL A 68 -17.03 -11.75 13.47
CA VAL A 68 -16.44 -13.05 13.09
C VAL A 68 -16.92 -14.16 14.03
N PHE A 69 -16.94 -15.39 13.52
CA PHE A 69 -17.38 -16.55 14.29
C PHE A 69 -16.21 -17.27 14.90
N ALA A 70 -16.32 -17.61 16.21
CA ALA A 70 -15.31 -18.37 16.93
C ALA A 70 -15.25 -19.74 16.28
N ALA A 71 -14.11 -20.03 15.61
CA ALA A 71 -13.85 -21.25 14.84
C ALA A 71 -12.36 -21.36 14.50
N THR A 72 -11.98 -22.43 13.77
CA THR A 72 -10.62 -22.66 13.27
C THR A 72 -10.66 -22.44 11.75
N TYR A 73 -9.69 -21.68 11.23
CA TYR A 73 -9.64 -21.29 9.82
C TYR A 73 -8.32 -21.61 9.12
N ASP A 74 -8.35 -21.55 7.80
CA ASP A 74 -7.20 -21.54 6.92
C ASP A 74 -7.14 -20.14 6.35
N VAL A 75 -6.03 -19.42 6.54
CA VAL A 75 -5.88 -18.04 6.04
C VAL A 75 -5.01 -18.08 4.79
N ARG A 76 -5.36 -17.27 3.79
CA ARG A 76 -4.63 -17.22 2.53
C ARG A 76 -4.40 -15.78 2.06
N PHE A 77 -3.16 -15.47 1.65
CA PHE A 77 -2.80 -14.18 1.06
C PHE A 77 -2.38 -14.40 -0.37
N GLU A 78 -3.02 -13.69 -1.30
CA GLU A 78 -2.71 -13.77 -2.73
C GLU A 78 -3.05 -12.45 -3.41
N ASN A 79 -2.41 -12.18 -4.57
CA ASN A 79 -2.59 -11.03 -5.45
C ASN A 79 -2.48 -9.69 -4.71
N GLY A 80 -1.53 -9.60 -3.80
CA GLY A 80 -1.31 -8.41 -2.99
C GLY A 80 -0.05 -7.69 -3.38
N ASN A 81 0.56 -7.00 -2.42
CA ASN A 81 1.80 -6.28 -2.63
C ASN A 81 2.94 -6.89 -1.78
N PHE A 82 2.72 -8.13 -1.32
CA PHE A 82 3.73 -8.87 -0.58
C PHE A 82 3.67 -10.31 -1.05
N TYR A 83 4.76 -11.06 -0.82
CA TYR A 83 4.84 -12.47 -1.25
C TYR A 83 3.73 -13.31 -0.60
N PRO A 84 2.98 -14.06 -1.45
CA PRO A 84 1.89 -14.90 -0.95
C PRO A 84 2.35 -16.01 -0.01
N PHE A 85 1.44 -16.41 0.86
CA PHE A 85 1.60 -17.48 1.83
C PHE A 85 0.25 -17.81 2.44
N GLU A 86 0.24 -18.92 3.17
CA GLU A 86 -0.90 -19.40 3.90
C GLU A 86 -0.58 -19.53 5.37
N VAL A 87 -1.60 -19.36 6.22
CA VAL A 87 -1.53 -19.61 7.65
C VAL A 87 -2.62 -20.68 7.92
N LYS A 88 -2.19 -21.95 8.06
CA LYS A 88 -3.11 -23.05 8.33
C LYS A 88 -3.40 -23.15 9.84
N ASP A 89 -4.61 -23.62 10.21
CA ASP A 89 -5.10 -23.85 11.58
C ASP A 89 -5.06 -22.56 12.44
N PHE A 90 -5.67 -21.52 11.91
CA PHE A 90 -5.79 -20.20 12.52
C PHE A 90 -7.03 -20.22 13.43
N VAL A 91 -6.82 -20.21 14.76
CA VAL A 91 -7.92 -20.29 15.73
C VAL A 91 -8.43 -18.89 16.10
N VAL A 92 -9.74 -18.69 15.91
CA VAL A 92 -10.42 -17.47 16.32
C VAL A 92 -11.17 -17.86 17.59
N LYS A 93 -10.71 -17.35 18.75
CA LYS A 93 -11.33 -17.62 20.04
C LYS A 93 -12.58 -16.76 20.24
N SER A 94 -13.49 -17.20 21.12
CA SER A 94 -14.68 -16.45 21.51
C SER A 94 -14.21 -15.13 22.16
N GLY A 95 -14.85 -14.03 21.79
CA GLY A 95 -14.47 -12.70 22.26
C GLY A 95 -13.47 -12.00 21.36
N ASP A 96 -12.60 -11.16 21.94
CA ASP A 96 -11.62 -10.39 21.16
C ASP A 96 -10.35 -11.20 20.87
N ASN A 97 -9.79 -10.99 19.68
CA ASN A 97 -8.59 -11.64 19.16
C ASN A 97 -7.66 -10.63 18.53
N VAL A 98 -6.35 -10.83 18.67
CA VAL A 98 -5.40 -9.92 18.05
C VAL A 98 -4.39 -10.80 17.25
N TYR A 99 -4.01 -10.40 16.01
CA TYR A 99 -3.04 -11.17 15.22
C TYR A 99 -2.38 -10.28 14.14
N ASP A 100 -1.07 -10.21 14.23
CA ASP A 100 -0.26 -9.46 13.28
C ASP A 100 0.36 -10.44 12.28
N PHE A 101 0.28 -10.12 10.99
CA PHE A 101 0.87 -10.98 9.97
C PHE A 101 2.21 -10.34 9.54
N LYS A 102 3.26 -11.14 9.45
CA LYS A 102 4.63 -10.77 9.04
C LYS A 102 4.82 -11.15 7.57
N VAL A 103 5.17 -10.16 6.73
CA VAL A 103 5.22 -10.36 5.29
C VAL A 103 6.53 -9.82 4.67
N ILE A 104 6.77 -10.18 3.41
CA ILE A 104 7.89 -9.69 2.62
C ILE A 104 7.28 -8.84 1.52
N PRO A 105 7.31 -7.47 1.64
CA PRO A 105 6.76 -6.64 0.55
C PRO A 105 7.61 -6.81 -0.69
N TYR A 106 7.04 -6.59 -1.89
CA TYR A 106 7.86 -6.70 -3.10
C TYR A 106 8.89 -5.56 -3.13
N ILE A 107 8.45 -4.38 -2.70
CA ILE A 107 9.26 -3.16 -2.66
C ILE A 107 9.05 -2.43 -1.34
N ARG A 108 10.14 -1.87 -0.78
CA ARG A 108 10.09 -0.96 0.37
C ARG A 108 10.42 0.44 -0.10
N VAL A 109 9.60 1.45 0.23
CA VAL A 109 9.93 2.84 -0.14
C VAL A 109 10.82 3.39 0.96
N LYS A 110 12.02 3.85 0.61
CA LYS A 110 12.96 4.34 1.61
C LYS A 110 13.13 5.85 1.57
N SER A 111 13.36 6.42 2.78
CA SER A 111 13.56 7.85 3.02
C SER A 111 12.49 8.69 2.27
N PRO A 112 11.17 8.35 2.31
CA PRO A 112 10.21 9.15 1.56
C PRO A 112 10.08 10.56 2.11
N LYS A 113 10.02 11.54 1.20
CA LYS A 113 9.85 12.96 1.51
C LYS A 113 8.89 13.56 0.49
N VAL A 114 7.80 14.22 0.95
CA VAL A 114 6.85 14.89 0.04
C VAL A 114 6.69 16.33 0.54
N GLU A 115 7.07 17.30 -0.29
CA GLU A 115 6.94 18.67 0.16
C GLU A 115 6.55 19.62 -0.96
N LYS A 116 5.98 20.75 -0.52
CA LYS A 116 5.54 21.86 -1.35
CA LYS A 116 5.55 21.85 -1.36
C LYS A 116 6.61 22.93 -1.34
N ASN A 117 7.09 23.33 -2.53
CA ASN A 117 8.07 24.39 -2.70
CA ASN A 117 8.03 24.43 -2.67
C ASN A 117 7.56 25.29 -3.82
N GLY A 118 7.06 26.44 -3.42
CA GLY A 118 6.47 27.39 -4.35
C GLY A 118 5.09 26.83 -4.66
N ASN A 119 4.87 26.55 -5.95
CA ASN A 119 3.62 26.00 -6.49
C ASN A 119 3.82 24.57 -7.04
N VAL A 120 4.79 23.84 -6.48
CA VAL A 120 5.05 22.47 -6.96
C VAL A 120 5.14 21.54 -5.75
N ILE A 121 4.51 20.36 -5.88
CA ILE A 121 4.62 19.27 -4.91
C ILE A 121 5.71 18.36 -5.45
N THR A 122 6.79 18.12 -4.66
CA THR A 122 7.89 17.25 -5.06
C THR A 122 8.05 16.09 -4.09
N ALA A 123 8.19 14.86 -4.64
CA ALA A 123 8.42 13.64 -3.88
C ALA A 123 9.83 13.13 -4.20
N THR A 124 10.60 12.77 -3.16
CA THR A 124 11.95 12.21 -3.29
C THR A 124 11.99 10.97 -2.43
N PHE A 125 12.67 9.93 -2.93
CA PHE A 125 12.68 8.63 -2.28
C PHE A 125 13.66 7.66 -2.97
N SER A 126 13.93 6.57 -2.28
CA SER A 126 14.72 5.43 -2.72
C SER A 126 13.84 4.21 -2.61
N LEU A 127 14.29 3.10 -3.21
CA LEU A 127 13.56 1.84 -3.21
C LEU A 127 14.47 0.70 -2.87
N GLU A 128 13.90 -0.31 -2.21
CA GLU A 128 14.58 -1.52 -1.81
C GLU A 128 13.72 -2.70 -2.24
N ALA A 129 14.34 -3.69 -2.88
CA ALA A 129 13.61 -4.88 -3.31
C ALA A 129 13.43 -5.85 -2.14
N GLY A 130 12.23 -6.46 -2.04
CA GLY A 130 11.91 -7.46 -1.03
C GLY A 130 12.74 -8.72 -1.20
N LYS A 131 12.98 -9.09 -2.48
CA LYS A 131 13.86 -10.20 -2.92
C LYS A 131 14.67 -9.69 -4.12
N GLN A 132 15.86 -10.30 -4.40
CA GLN A 132 16.75 -9.89 -5.50
CA GLN A 132 16.75 -9.89 -5.50
C GLN A 132 16.06 -9.95 -6.87
N GLU A 133 15.17 -10.94 -7.08
CA GLU A 133 14.43 -11.16 -8.33
C GLU A 133 13.46 -10.03 -8.69
N VAL A 134 13.05 -9.20 -7.70
CA VAL A 134 12.08 -8.12 -7.91
C VAL A 134 12.63 -6.99 -8.77
N LYS A 135 11.84 -6.59 -9.77
CA LYS A 135 12.11 -5.46 -10.67
C LYS A 135 11.04 -4.37 -10.51
N LEU A 136 11.33 -3.17 -11.00
CA LEU A 136 10.44 -2.01 -10.91
C LEU A 136 9.70 -1.77 -12.22
N LYS A 137 8.35 -1.70 -12.14
CA LYS A 137 7.48 -1.47 -13.29
C LYS A 137 6.99 -0.01 -13.34
N GLU A 138 6.52 0.53 -12.20
CA GLU A 138 6.00 1.91 -12.13
C GLU A 138 6.31 2.61 -10.81
N ILE A 139 6.37 3.96 -10.86
CA ILE A 139 6.45 4.85 -9.68
C ILE A 139 5.41 5.96 -9.90
N GLN A 140 4.74 6.36 -8.81
CA GLN A 140 3.71 7.36 -8.89
C GLN A 140 3.49 8.08 -7.58
N LEU A 141 3.23 9.39 -7.71
CA LEU A 141 2.85 10.25 -6.60
C LEU A 141 1.34 10.43 -6.67
N PHE A 142 0.62 9.62 -5.87
CA PHE A 142 -0.85 9.71 -5.86
C PHE A 142 -1.31 10.88 -5.03
N ALA A 143 -2.41 11.50 -5.45
CA ALA A 143 -3.03 12.62 -4.73
C ALA A 143 -4.55 12.43 -4.58
N PHE A 144 -5.10 12.81 -3.41
CA PHE A 144 -6.56 12.80 -3.18
C PHE A 144 -6.96 13.81 -2.08
N SER A 145 -8.25 14.13 -2.00
CA SER A 145 -8.80 15.08 -1.01
C SER A 145 -8.98 14.42 0.40
N ASP A 146 -8.63 13.14 0.55
CA ASP A 146 -8.70 12.47 1.85
C ASP A 146 -7.53 11.45 1.97
N MSE A 147 -7.36 10.93 3.20
CA MSE A 147 -6.28 10.01 3.63
CA MSE A 147 -6.30 10.01 3.62
C MSE A 147 -6.34 8.62 2.97
O MSE A 147 -5.40 7.84 3.13
CB MSE A 147 -6.35 9.84 5.18
CB MSE A 147 -6.36 9.85 5.15
CG MSE A 147 -7.60 9.05 5.64
CG MSE A 147 -7.77 9.77 5.69
SE MSE A 147 -7.62 8.39 7.50
SE MSE A 147 -7.85 10.12 7.58
CE MSE A 147 -7.83 10.14 8.38
CE MSE A 147 -7.78 8.24 8.20
N TRP A 148 -7.40 8.29 2.21
CA TRP A 148 -7.54 7.00 1.55
C TRP A 148 -6.89 7.03 0.14
N VAL A 149 -6.09 8.06 -0.12
CA VAL A 149 -5.30 8.20 -1.36
C VAL A 149 -4.49 6.91 -1.68
N GLY A 150 -4.47 6.51 -2.94
CA GLY A 150 -3.69 5.39 -3.43
C GLY A 150 -4.00 5.16 -4.90
N ASN A 151 -3.47 4.07 -5.48
CA ASN A 151 -3.79 3.69 -6.84
C ASN A 151 -5.29 3.49 -7.03
N ASN A 152 -6.02 3.11 -5.95
CA ASN A 152 -7.47 2.89 -6.08
C ASN A 152 -8.32 4.17 -5.85
N VAL A 153 -7.75 5.20 -5.17
CA VAL A 153 -8.45 6.46 -4.79
C VAL A 153 -7.50 7.63 -5.18
N LYS A 154 -7.67 8.15 -6.40
CA LYS A 154 -6.73 9.15 -6.92
C LYS A 154 -7.39 10.12 -7.88
N LEU A 155 -6.76 11.30 -7.99
CA LEU A 155 -7.15 12.36 -8.90
C LEU A 155 -6.39 12.17 -10.21
N THR A 156 -6.99 12.60 -11.31
CA THR A 156 -6.39 12.55 -12.65
C THR A 156 -5.64 13.87 -12.79
N LEU A 157 -4.33 13.79 -13.05
CA LEU A 157 -3.47 14.98 -13.10
C LEU A 157 -2.86 15.25 -14.48
N ASN A 158 -2.51 16.53 -14.72
CA ASN A 158 -1.85 16.98 -15.95
C ASN A 158 -0.36 17.12 -15.76
N GLY A 159 0.41 16.90 -16.84
CA GLY A 159 1.86 17.11 -16.81
C GLY A 159 2.76 15.91 -16.98
N GLY A 160 2.30 14.75 -16.52
CA GLY A 160 3.02 13.47 -16.61
C GLY A 160 4.17 13.22 -15.66
N THR A 161 4.62 14.24 -14.91
CA THR A 161 5.77 14.15 -13.98
C THR A 161 5.41 13.44 -12.64
N ASP A 162 4.11 13.17 -12.40
CA ASP A 162 3.61 12.53 -11.19
C ASP A 162 3.73 11.00 -11.27
N LYS A 163 4.07 10.48 -12.46
CA LYS A 163 4.14 9.05 -12.74
C LYS A 163 5.22 8.72 -13.78
N GLN A 164 5.93 7.60 -13.55
CA GLN A 164 6.92 7.10 -14.51
CA GLN A 164 6.97 7.09 -14.46
C GLN A 164 6.75 5.58 -14.68
N VAL A 165 6.76 5.14 -15.95
CA VAL A 165 6.59 3.73 -16.32
C VAL A 165 7.91 3.25 -16.90
N PHE A 166 8.35 2.09 -16.44
CA PHE A 166 9.57 1.46 -16.92
C PHE A 166 9.19 0.26 -17.80
N SER A 167 9.52 0.35 -19.09
CA SER A 167 9.23 -0.72 -20.05
C SER A 167 10.45 -0.91 -20.96
N PRO A 168 11.21 -2.02 -20.80
CA PRO A 168 11.02 -3.13 -19.84
C PRO A 168 11.24 -2.71 -18.40
N SER A 169 10.67 -3.45 -17.44
CA SER A 169 10.80 -3.21 -16.00
C SER A 169 12.30 -3.17 -15.64
N THR A 170 12.69 -2.21 -14.79
CA THR A 170 14.09 -1.90 -14.47
C THR A 170 14.57 -2.54 -13.14
N ALA A 171 15.90 -2.60 -12.96
CA ALA A 171 16.53 -3.14 -11.74
C ALA A 171 16.34 -2.18 -10.58
N ILE A 172 16.21 -2.72 -9.35
CA ILE A 172 16.08 -1.90 -8.14
C ILE A 172 17.48 -1.83 -7.50
N ASN A 173 17.96 -0.61 -7.31
CA ASN A 173 19.24 -0.27 -6.69
C ASN A 173 18.94 0.79 -5.61
N SER A 174 19.16 0.42 -4.33
CA SER A 174 18.90 1.19 -3.11
C SER A 174 19.52 2.59 -3.08
N ALA A 175 20.64 2.79 -3.78
CA ALA A 175 21.37 4.04 -3.85
C ALA A 175 20.66 5.08 -4.75
N ASP A 176 19.86 4.64 -5.75
CA ASP A 176 19.17 5.50 -6.71
C ASP A 176 18.11 6.40 -6.05
N ILE A 177 18.12 7.69 -6.43
CA ILE A 177 17.16 8.66 -5.93
C ILE A 177 16.13 8.94 -7.03
N TYR A 178 14.86 8.72 -6.70
CA TYR A 178 13.75 9.00 -7.61
C TYR A 178 13.09 10.31 -7.23
N THR A 179 12.63 11.06 -8.24
CA THR A 179 11.89 12.33 -8.04
C THR A 179 10.62 12.30 -8.87
N LEU A 180 9.47 12.66 -8.24
CA LEU A 180 8.16 12.82 -8.89
C LEU A 180 7.64 14.21 -8.52
N SER A 181 6.89 14.82 -9.44
CA SER A 181 6.40 16.20 -9.28
C SER A 181 4.97 16.38 -9.71
N ILE A 182 4.28 17.32 -9.03
CA ILE A 182 2.94 17.80 -9.38
C ILE A 182 3.02 19.34 -9.42
N ASP A 183 2.72 19.94 -10.58
CA ASP A 183 2.67 21.39 -10.71
C ASP A 183 1.27 21.81 -10.29
N LEU A 184 1.14 22.63 -9.24
CA LEU A 184 -0.17 23.03 -8.72
C LEU A 184 -0.95 23.91 -9.67
N GLY A 185 -0.25 24.79 -10.41
CA GLY A 185 -0.88 25.71 -11.37
C GLY A 185 -1.53 24.98 -12.54
N GLN A 186 -0.91 23.86 -12.96
CA GLN A 186 -1.36 23.01 -14.04
C GLN A 186 -2.47 22.04 -13.59
N ASN A 187 -2.72 21.98 -12.27
CA ASN A 187 -3.68 21.07 -11.67
C ASN A 187 -4.61 21.77 -10.67
N ALA A 188 -4.86 23.07 -10.87
CA ALA A 188 -5.70 23.88 -9.96
C ALA A 188 -7.18 23.43 -9.93
N ASP A 189 -7.63 22.72 -10.96
CA ASP A 189 -9.02 22.24 -11.09
C ASP A 189 -9.35 21.15 -10.04
N VAL A 190 -8.37 20.28 -9.70
CA VAL A 190 -8.59 19.19 -8.75
C VAL A 190 -7.73 19.34 -7.47
N LEU A 191 -6.71 20.22 -7.47
CA LEU A 191 -5.88 20.49 -6.28
C LEU A 191 -6.12 21.95 -5.94
N LYS A 192 -7.18 22.21 -5.20
CA LYS A 192 -7.68 23.55 -4.98
C LYS A 192 -6.93 24.32 -3.92
N TYR A 193 -6.62 25.56 -4.24
CA TYR A 193 -5.95 26.48 -3.33
C TYR A 193 -6.68 26.54 -1.96
N SER A 194 -5.91 26.55 -0.85
CA SER A 194 -6.36 26.65 0.55
C SER A 194 -6.92 25.34 1.11
N LYS A 195 -7.01 24.26 0.30
CA LYS A 195 -7.58 22.99 0.80
C LYS A 195 -6.47 21.99 1.13
N ASN A 196 -6.79 21.03 2.05
CA ASN A 196 -5.87 19.95 2.44
C ASN A 196 -5.95 18.79 1.46
N TYR A 197 -4.78 18.30 1.03
CA TYR A 197 -4.65 17.13 0.16
C TYR A 197 -3.62 16.17 0.73
N TYR A 198 -3.86 14.88 0.43
CA TYR A 198 -3.05 13.77 0.87
C TYR A 198 -2.29 13.19 -0.32
N PHE A 199 -0.97 13.09 -0.18
CA PHE A 199 -0.04 12.63 -1.22
C PHE A 199 0.59 11.34 -0.76
N ARG A 200 0.73 10.40 -1.69
CA ARG A 200 1.28 9.09 -1.34
C ARG A 200 2.15 8.54 -2.45
N ILE A 201 3.42 8.29 -2.12
CA ILE A 201 4.37 7.68 -3.06
C ILE A 201 3.98 6.21 -3.19
N GLY A 202 3.84 5.72 -4.42
CA GLY A 202 3.60 4.31 -4.72
C GLY A 202 4.66 3.74 -5.66
N ALA A 203 4.95 2.45 -5.52
CA ALA A 203 5.90 1.75 -6.40
C ALA A 203 5.33 0.39 -6.71
N LEU A 204 5.17 0.12 -8.02
CA LEU A 204 4.62 -1.12 -8.54
C LEU A 204 5.76 -2.04 -9.04
N ALA A 205 5.88 -3.20 -8.41
CA ALA A 205 6.90 -4.20 -8.78
C ALA A 205 6.44 -5.06 -9.96
N ASP A 206 7.39 -5.80 -10.53
CA ASP A 206 7.23 -6.81 -11.56
C ASP A 206 7.85 -8.10 -10.96
N VAL A 207 6.99 -9.13 -10.67
CA VAL A 207 7.28 -10.39 -9.97
C VAL A 207 6.51 -11.56 -10.62
N SER A 208 7.11 -12.78 -10.66
CA SER A 208 6.44 -13.96 -11.21
C SER A 208 5.87 -14.92 -10.17
N GLY A 209 4.89 -15.73 -10.59
CA GLY A 209 4.29 -16.79 -9.78
C GLY A 209 3.35 -16.31 -8.70
N VAL A 210 3.25 -14.97 -8.58
CA VAL A 210 2.50 -14.34 -7.51
C VAL A 210 1.21 -13.72 -7.99
N GLY A 211 0.79 -14.07 -9.22
CA GLY A 211 -0.43 -13.54 -9.78
C GLY A 211 -0.34 -12.03 -10.01
N THR A 212 -1.37 -11.31 -9.64
CA THR A 212 -1.39 -9.86 -9.87
C THR A 212 -0.67 -9.10 -8.73
N VAL A 213 0.35 -8.34 -9.15
CA VAL A 213 1.16 -7.53 -8.27
C VAL A 213 0.45 -6.21 -8.05
N ARG A 214 0.39 -5.76 -6.78
CA ARG A 214 -0.21 -4.48 -6.38
C ARG A 214 0.88 -3.53 -5.88
N HIS A 215 0.57 -2.22 -5.88
CA HIS A 215 1.54 -1.23 -5.43
C HIS A 215 1.93 -1.37 -3.99
N ASN A 216 3.18 -1.00 -3.73
CA ASN A 216 3.74 -0.77 -2.41
C ASN A 216 3.72 0.75 -2.20
N TYR A 217 3.64 1.20 -0.94
CA TYR A 217 3.51 2.61 -0.60
C TYR A 217 4.38 3.05 0.54
N ALA A 218 4.66 4.35 0.54
CA ALA A 218 5.25 5.09 1.65
C ALA A 218 4.06 5.66 2.46
N PRO A 219 4.21 6.08 3.73
CA PRO A 219 3.04 6.64 4.45
C PRO A 219 2.52 7.94 3.80
N VAL A 220 1.21 8.19 3.92
CA VAL A 220 0.51 9.38 3.39
C VAL A 220 1.09 10.67 4.03
N VAL A 221 1.26 11.74 3.21
CA VAL A 221 1.72 13.07 3.64
C VAL A 221 0.60 14.07 3.33
N VAL A 222 0.04 14.72 4.35
CA VAL A 222 -1.02 15.75 4.20
C VAL A 222 -0.33 17.08 3.99
N ILE A 223 -0.81 17.88 3.01
CA ILE A 223 -0.27 19.21 2.71
C ILE A 223 -1.44 20.17 2.50
N LYS A 224 -1.40 21.33 3.16
CA LYS A 224 -2.42 22.35 2.96
C LYS A 224 -1.95 23.23 1.82
N LEU A 225 -2.75 23.34 0.77
CA LEU A 225 -2.36 24.13 -0.40
C LEU A 225 -2.81 25.62 -0.26
CL CL B . -9.75 21.15 3.38
CL CL C . 16.68 -12.57 -2.38
C1 EDO D . 1.52 -12.92 15.68
O1 EDO D . 2.60 -12.84 14.75
C2 EDO D . 1.38 -11.55 16.40
O2 EDO D . 0.05 -11.40 16.89
C1 EDO E . -1.44 -3.26 -10.71
O1 EDO E . -1.95 -4.58 -10.58
C2 EDO E . -2.50 -2.23 -10.27
O2 EDO E . -3.20 -2.66 -9.10
C1 EDO F . 5.91 3.25 -21.24
O1 EDO F . 5.26 1.99 -21.26
C2 EDO F . 7.32 3.07 -20.62
O2 EDO F . 8.03 4.30 -20.64
C1 EDO G . 8.93 -16.78 -4.13
O1 EDO G . 8.19 -16.88 -5.33
C2 EDO G . 10.36 -16.26 -4.46
O2 EDO G . 11.29 -17.35 -4.63
C1 EDO H . -12.04 -5.19 18.68
O1 EDO H . -12.07 -4.58 17.40
C2 EDO H . -12.58 -4.23 19.76
O2 EDO H . -13.96 -4.00 19.56
C1 EDO I . 3.63 -15.57 8.92
O1 EDO I . 4.71 -15.00 8.18
C2 EDO I . 2.74 -14.45 9.52
O2 EDO I . 1.65 -15.05 10.19
#